data_4TO8
#
_entry.id   4TO8
#
_cell.length_a   76.464
_cell.length_b   96.054
_cell.length_c   101.231
_cell.angle_alpha   90.00
_cell.angle_beta   90.00
_cell.angle_gamma   90.00
#
_symmetry.space_group_name_H-M   'P 21 21 2'
#
loop_
_entity.id
_entity.type
_entity.pdbx_description
1 polymer 'Fructose-1,6-bisphosphate aldolase, class II'
2 non-polymer 'ZINC ION'
3 non-polymer 'CITRATE ANION'
4 water water
#
_entity_poly.entity_id   1
_entity_poly.type   'polypeptide(L)'
_entity_poly.pdbx_seq_one_letter_code
;MPLVSMKEMLIDAKENGYAVGQYNINNLEFTQAILEASQEENAPVILGVSEGAARYMSGFYTIVKMVEGLMHDLNITIPV
AIHLDHGSSFEKCKEAIDAGFTSVMIDASHSPFEENVATTKKVVEYAHEKGVSVEAELGTVGGQEDDVVADGIIYADPKE
CQELVEKTGIDALAPALGSVHGPYKGEPKLGFKEMEEIGLSTGLPLVLHGGTGIPTKDIQKAIPFGTAKINVNTENQIAS
AKAVRDVLNNDKEVYDPRKYLGPAREAIKETVKGKIKEFGTSNRAKHHHHHH
;
_entity_poly.pdbx_strand_id   A,B
#
# COMPACT_ATOMS: atom_id res chain seq x y z
N PRO A 2 -15.12 -6.02 11.19
CA PRO A 2 -15.68 -4.81 10.57
C PRO A 2 -14.94 -3.57 11.04
N LEU A 3 -15.09 -2.46 10.33
CA LEU A 3 -14.49 -1.20 10.73
C LEU A 3 -15.35 -0.54 11.81
N VAL A 4 -14.73 -0.28 12.95
CA VAL A 4 -15.42 0.30 14.09
C VAL A 4 -14.52 1.37 14.74
N SER A 5 -15.10 2.25 15.54
CA SER A 5 -14.31 3.11 16.42
C SER A 5 -13.66 2.28 17.53
N MET A 6 -12.86 2.92 18.38
CA MET A 6 -12.24 2.26 19.53
C MET A 6 -13.15 2.13 20.75
N LYS A 7 -14.31 2.76 20.70
CA LYS A 7 -15.14 2.93 21.89
C LYS A 7 -15.46 1.61 22.60
N GLU A 8 -16.27 0.75 21.98
CA GLU A 8 -16.67 -0.48 22.64
CA GLU A 8 -16.67 -0.52 22.60
C GLU A 8 -15.47 -1.41 22.84
N MET A 9 -14.56 -1.39 21.88
CA MET A 9 -13.32 -2.15 21.91
C MET A 9 -12.52 -1.94 23.21
N LEU A 10 -12.33 -0.69 23.60
CA LEU A 10 -11.51 -0.40 24.78
C LEU A 10 -12.31 -0.58 26.07
N ILE A 11 -13.61 -0.36 26.03
CA ILE A 11 -14.45 -0.62 27.19
C ILE A 11 -14.40 -2.11 27.55
N ASP A 12 -14.54 -2.97 26.55
CA ASP A 12 -14.47 -4.40 26.79
CA ASP A 12 -14.45 -4.42 26.76
C ASP A 12 -13.07 -4.80 27.30
N ALA A 13 -12.03 -4.17 26.76
CA ALA A 13 -10.68 -4.47 27.22
C ALA A 13 -10.49 -4.10 28.70
N LYS A 14 -10.95 -2.91 29.07
CA LYS A 14 -10.78 -2.41 30.42
C LYS A 14 -11.54 -3.28 31.41
N GLU A 15 -12.78 -3.61 31.05
CA GLU A 15 -13.64 -4.48 31.86
C GLU A 15 -13.00 -5.85 32.11
N ASN A 16 -12.42 -6.45 31.08
CA ASN A 16 -11.94 -7.83 31.15
C ASN A 16 -10.44 -8.00 31.32
N GLY A 17 -9.75 -6.92 31.65
CA GLY A 17 -8.34 -7.03 32.00
C GLY A 17 -7.32 -7.32 30.89
N TYR A 18 -7.58 -6.83 29.70
CA TYR A 18 -6.56 -6.94 28.66
C TYR A 18 -6.39 -5.61 27.94
N ALA A 19 -5.44 -5.55 27.00
CA ALA A 19 -5.26 -4.37 26.17
C ALA A 19 -5.35 -4.68 24.69
N VAL A 20 -5.78 -3.69 23.92
CA VAL A 20 -5.74 -3.74 22.46
C VAL A 20 -4.53 -2.94 21.98
N GLY A 21 -3.63 -3.58 21.26
CA GLY A 21 -2.50 -2.86 20.70
C GLY A 21 -2.95 -1.92 19.60
N GLN A 22 -2.38 -0.71 19.59
CA GLN A 22 -2.39 0.12 18.40
C GLN A 22 -1.09 -0.11 17.66
N TYR A 23 -1.17 -0.72 16.48
CA TYR A 23 0.01 -0.97 15.67
C TYR A 23 0.01 0.05 14.52
N ASN A 24 1.03 0.90 14.48
CA ASN A 24 1.15 1.94 13.46
C ASN A 24 1.46 1.37 12.09
N ILE A 25 0.78 1.87 11.06
CA ILE A 25 1.07 1.43 9.70
C ILE A 25 1.90 2.47 8.99
N ASN A 26 2.76 2.03 8.07
CA ASN A 26 3.55 2.96 7.26
C ASN A 26 3.43 2.72 5.77
N ASN A 27 2.89 1.56 5.38
CA ASN A 27 2.64 1.26 3.98
C ASN A 27 1.80 -0.01 3.84
N LEU A 28 1.70 -0.57 2.64
CA LEU A 28 0.87 -1.75 2.41
C LEU A 28 1.32 -2.95 3.25
N GLU A 29 2.60 -3.27 3.21
CA GLU A 29 3.09 -4.46 3.91
C GLU A 29 2.88 -4.36 5.43
N PHE A 30 3.05 -3.18 6.01
CA PHE A 30 2.75 -3.00 7.45
C PHE A 30 1.27 -3.33 7.74
N THR A 31 0.39 -2.82 6.89
CA THR A 31 -1.04 -2.97 7.12
C THR A 31 -1.45 -4.44 6.98
N GLN A 32 -0.90 -5.09 5.96
CA GLN A 32 -1.15 -6.52 5.76
C GLN A 32 -0.75 -7.34 6.98
N ALA A 33 0.48 -7.14 7.46
CA ALA A 33 1.00 -7.91 8.60
C ALA A 33 0.15 -7.74 9.85
N ILE A 34 -0.19 -6.48 10.17
CA ILE A 34 -0.96 -6.21 11.39
C ILE A 34 -2.38 -6.81 11.33
N LEU A 35 -3.06 -6.67 10.20
CA LEU A 35 -4.39 -7.26 10.02
C LEU A 35 -4.34 -8.79 10.05
N GLU A 36 -3.42 -9.40 9.32
CA GLU A 36 -3.32 -10.85 9.31
C GLU A 36 -3.03 -11.42 10.69
N ALA A 37 -2.08 -10.81 11.40
CA ALA A 37 -1.72 -11.30 12.72
C ALA A 37 -2.90 -11.24 13.67
N SER A 38 -3.66 -10.14 13.62
CA SER A 38 -4.75 -9.98 14.58
C SER A 38 -5.92 -10.91 14.27
N GLN A 39 -6.22 -11.06 12.99
CA GLN A 39 -7.26 -12.00 12.54
C GLN A 39 -6.90 -13.42 12.95
N GLU A 40 -5.65 -13.80 12.75
CA GLU A 40 -5.17 -15.12 13.09
C GLU A 40 -5.17 -15.34 14.60
N GLU A 41 -5.13 -14.27 15.37
CA GLU A 41 -5.18 -14.37 16.83
C GLU A 41 -6.60 -14.15 17.37
N ASN A 42 -7.58 -14.03 16.48
CA ASN A 42 -8.95 -13.71 16.88
C ASN A 42 -9.04 -12.49 17.79
N ALA A 43 -8.32 -11.42 17.41
CA ALA A 43 -8.17 -10.26 18.27
C ALA A 43 -8.62 -8.98 17.57
N PRO A 44 -9.32 -8.09 18.31
CA PRO A 44 -9.55 -6.74 17.76
C PRO A 44 -8.23 -6.02 17.60
N VAL A 45 -8.19 -5.00 16.75
CA VAL A 45 -6.94 -4.29 16.52
C VAL A 45 -7.20 -2.82 16.16
N ILE A 46 -6.25 -1.97 16.52
CA ILE A 46 -6.29 -0.58 16.14
C ILE A 46 -5.13 -0.28 15.21
N LEU A 47 -5.46 0.26 14.03
CA LEU A 47 -4.45 0.69 13.08
C LEU A 47 -4.09 2.14 13.35
N GLY A 48 -2.86 2.38 13.77
CA GLY A 48 -2.42 3.73 14.11
C GLY A 48 -1.78 4.42 12.93
N VAL A 49 -2.16 5.68 12.72
CA VAL A 49 -1.63 6.47 11.61
C VAL A 49 -1.15 7.84 12.10
N SER A 50 0.15 8.08 12.07
CA SER A 50 0.66 9.40 12.45
C SER A 50 0.46 10.33 11.26
N GLU A 51 0.54 11.64 11.50
CA GLU A 51 0.34 12.60 10.42
C GLU A 51 1.46 12.49 9.38
N GLY A 52 2.67 12.16 9.83
CA GLY A 52 3.78 11.97 8.91
C GLY A 52 3.65 10.68 8.10
N ALA A 53 3.12 9.64 8.72
CA ALA A 53 2.86 8.38 8.01
C ALA A 53 1.78 8.57 6.94
N ALA A 54 0.76 9.35 7.28
CA ALA A 54 -0.31 9.66 6.34
C ALA A 54 0.21 10.46 5.12
N ARG A 55 1.07 11.45 5.38
CA ARG A 55 1.72 12.16 4.28
C ARG A 55 2.52 11.20 3.39
N TYR A 56 3.26 10.28 4.02
CA TYR A 56 4.02 9.27 3.28
C TYR A 56 3.10 8.39 2.42
N MET A 57 1.93 8.06 2.97
CA MET A 57 0.98 7.21 2.26
C MET A 57 0.02 8.04 1.41
N SER A 58 0.44 9.27 1.06
CA SER A 58 -0.31 10.19 0.19
C SER A 58 -1.54 10.83 0.85
N GLY A 59 -2.25 10.09 1.69
CA GLY A 59 -3.31 10.72 2.47
C GLY A 59 -4.19 9.80 3.28
N PHE A 60 -5.02 10.40 4.12
CA PHE A 60 -5.99 9.67 4.92
C PHE A 60 -6.92 8.81 4.06
N TYR A 61 -7.37 9.37 2.94
CA TYR A 61 -8.32 8.68 2.07
C TYR A 61 -7.70 7.44 1.46
N THR A 62 -6.46 7.55 0.98
CA THR A 62 -5.73 6.41 0.47
C THR A 62 -5.64 5.29 1.52
N ILE A 63 -5.33 5.65 2.76
CA ILE A 63 -5.23 4.67 3.84
C ILE A 63 -6.56 3.94 4.07
N VAL A 64 -7.66 4.68 4.14
CA VAL A 64 -8.97 4.05 4.35
C VAL A 64 -9.33 3.11 3.18
N LYS A 65 -9.07 3.53 1.94
CA LYS A 65 -9.35 2.68 0.79
C LYS A 65 -8.55 1.39 0.86
N MET A 66 -7.25 1.49 1.13
N MET A 66 -7.24 1.51 1.13
CA MET A 66 -6.39 0.32 1.27
CA MET A 66 -6.35 0.36 1.29
C MET A 66 -6.89 -0.65 2.33
C MET A 66 -6.87 -0.63 2.34
N VAL A 67 -7.25 -0.12 3.50
CA VAL A 67 -7.77 -0.96 4.58
C VAL A 67 -9.07 -1.64 4.13
N GLU A 68 -9.94 -0.89 3.45
CA GLU A 68 -11.18 -1.50 2.95
C GLU A 68 -10.88 -2.65 1.98
N GLY A 69 -9.94 -2.43 1.07
CA GLY A 69 -9.49 -3.49 0.18
C GLY A 69 -9.03 -4.73 0.94
N LEU A 70 -8.11 -4.52 1.88
CA LEU A 70 -7.58 -5.61 2.69
C LEU A 70 -8.64 -6.32 3.54
N MET A 71 -9.58 -5.57 4.14
CA MET A 71 -10.66 -6.18 4.94
C MET A 71 -11.38 -7.23 4.08
N HIS A 72 -11.60 -6.88 2.82
CA HIS A 72 -12.23 -7.80 1.89
C HIS A 72 -11.31 -8.95 1.49
N ASP A 73 -10.12 -8.64 0.97
CA ASP A 73 -9.26 -9.68 0.37
C ASP A 73 -8.65 -10.62 1.41
N LEU A 74 -8.48 -10.12 2.62
CA LEU A 74 -7.92 -10.94 3.70
C LEU A 74 -9.01 -11.59 4.56
N ASN A 75 -10.27 -11.42 4.16
CA ASN A 75 -11.39 -12.00 4.91
C ASN A 75 -11.36 -11.66 6.39
N ILE A 76 -11.12 -10.38 6.68
CA ILE A 76 -11.07 -9.90 8.06
C ILE A 76 -12.47 -9.93 8.69
N THR A 77 -12.59 -10.56 9.85
CA THR A 77 -13.88 -10.59 10.55
C THR A 77 -13.78 -9.94 11.93
N ILE A 78 -12.55 -9.68 12.37
CA ILE A 78 -12.32 -9.03 13.65
C ILE A 78 -12.69 -7.54 13.64
N PRO A 79 -12.85 -6.93 14.83
CA PRO A 79 -13.04 -5.48 14.86
C PRO A 79 -11.75 -4.76 14.47
N VAL A 80 -11.85 -3.78 13.56
CA VAL A 80 -10.69 -2.98 13.17
C VAL A 80 -11.02 -1.49 13.28
N ALA A 81 -10.20 -0.75 14.03
CA ALA A 81 -10.31 0.70 14.11
C ALA A 81 -9.20 1.37 13.28
N ILE A 82 -9.51 2.48 12.62
CA ILE A 82 -8.48 3.25 11.94
C ILE A 82 -8.30 4.57 12.70
N HIS A 83 -7.12 4.75 13.29
CA HIS A 83 -6.92 5.74 14.35
C HIS A 83 -5.85 6.77 14.01
N LEU A 84 -6.22 8.06 14.01
CA LEU A 84 -5.24 9.11 13.81
C LEU A 84 -4.41 9.27 15.08
N ASP A 85 -3.12 9.00 14.97
CA ASP A 85 -2.22 9.05 16.11
C ASP A 85 -1.57 10.43 16.22
N HIS A 86 -1.57 10.97 17.45
CA HIS A 86 -1.00 12.30 17.72
C HIS A 86 -1.50 13.37 16.73
N GLY A 87 -2.82 13.43 16.52
CA GLY A 87 -3.42 14.47 15.72
C GLY A 87 -3.11 15.83 16.33
N SER A 88 -2.74 16.79 15.48
CA SER A 88 -2.16 18.02 15.96
C SER A 88 -3.14 19.21 15.99
N SER A 89 -4.33 19.03 15.42
CA SER A 89 -5.30 20.11 15.37
C SER A 89 -6.71 19.59 15.10
N PHE A 90 -7.70 20.45 15.33
CA PHE A 90 -9.07 20.11 14.96
C PHE A 90 -9.14 19.84 13.46
N GLU A 91 -8.47 20.67 12.68
CA GLU A 91 -8.52 20.56 11.23
C GLU A 91 -7.99 19.20 10.75
N LYS A 92 -6.89 18.74 11.34
CA LYS A 92 -6.31 17.45 10.96
C LYS A 92 -7.20 16.28 11.38
N CYS A 93 -7.81 16.39 12.55
CA CYS A 93 -8.74 15.38 13.02
C CYS A 93 -9.98 15.35 12.12
N LYS A 94 -10.44 16.51 11.67
CA LYS A 94 -11.63 16.56 10.82
C LYS A 94 -11.32 15.97 9.45
N GLU A 95 -10.15 16.28 8.93
CA GLU A 95 -9.72 15.77 7.64
C GLU A 95 -9.69 14.24 7.68
N ALA A 96 -9.11 13.66 8.73
CA ALA A 96 -9.02 12.21 8.82
C ALA A 96 -10.40 11.57 8.95
N ILE A 97 -11.28 12.19 9.74
CA ILE A 97 -12.64 11.69 9.95
C ILE A 97 -13.46 11.77 8.66
N ASP A 98 -13.39 12.91 7.98
CA ASP A 98 -14.08 13.04 6.70
C ASP A 98 -13.59 12.00 5.67
N ALA A 99 -12.33 11.56 5.78
CA ALA A 99 -11.78 10.56 4.84
C ALA A 99 -12.21 9.13 5.19
N GLY A 100 -12.73 8.93 6.40
CA GLY A 100 -13.23 7.63 6.77
C GLY A 100 -12.56 7.01 7.99
N PHE A 101 -11.69 7.76 8.67
CA PHE A 101 -11.09 7.26 9.92
C PHE A 101 -12.20 7.04 10.94
N THR A 102 -12.04 6.04 11.81
CA THR A 102 -13.06 5.75 12.82
C THR A 102 -12.69 6.23 14.22
N SER A 103 -11.49 6.80 14.36
CA SER A 103 -10.98 7.18 15.68
C SER A 103 -9.88 8.22 15.52
N VAL A 104 -9.77 9.16 16.46
CA VAL A 104 -8.68 10.14 16.42
C VAL A 104 -8.11 10.38 17.81
N MET A 105 -6.83 10.69 17.86
CA MET A 105 -6.23 11.25 19.05
C MET A 105 -5.95 12.72 18.78
N ILE A 106 -6.57 13.62 19.55
CA ILE A 106 -6.20 15.02 19.48
C ILE A 106 -5.14 15.24 20.57
N ASP A 107 -3.92 15.54 20.15
CA ASP A 107 -2.81 15.69 21.09
C ASP A 107 -2.52 17.16 21.29
N ALA A 108 -3.06 17.73 22.37
CA ALA A 108 -2.79 19.12 22.73
C ALA A 108 -2.06 19.17 24.06
N SER A 109 -1.32 18.12 24.38
CA SER A 109 -0.73 17.97 25.70
C SER A 109 0.41 18.95 25.97
N HIS A 110 0.89 19.62 24.93
CA HIS A 110 1.99 20.59 25.05
C HIS A 110 1.47 22.04 25.12
N SER A 111 0.16 22.18 24.93
CA SER A 111 -0.55 23.44 25.07
C SER A 111 -1.03 23.64 26.51
N PRO A 112 -1.28 24.92 26.89
CA PRO A 112 -1.91 25.21 28.18
C PRO A 112 -3.14 24.36 28.39
N PHE A 113 -3.35 23.91 29.63
CA PHE A 113 -4.44 22.98 29.91
C PHE A 113 -5.80 23.48 29.42
N GLU A 114 -6.07 24.78 29.54
CA GLU A 114 -7.37 25.29 29.11
C GLU A 114 -7.53 25.21 27.60
N GLU A 115 -6.42 25.28 26.88
CA GLU A 115 -6.48 25.19 25.42
C GLU A 115 -6.63 23.74 24.99
N ASN A 116 -5.97 22.84 25.72
CA ASN A 116 -6.13 21.41 25.52
C ASN A 116 -7.61 21.04 25.67
N VAL A 117 -8.24 21.48 26.76
CA VAL A 117 -9.67 21.27 26.97
C VAL A 117 -10.53 21.84 25.83
N ALA A 118 -10.24 23.06 25.41
CA ALA A 118 -11.04 23.70 24.36
C ALA A 118 -10.92 22.97 23.02
N THR A 119 -9.70 22.64 22.61
CA THR A 119 -9.47 22.01 21.31
C THR A 119 -10.05 20.60 21.31
N THR A 120 -9.86 19.90 22.42
CA THR A 120 -10.31 18.53 22.55
C THR A 120 -11.83 18.46 22.56
N LYS A 121 -12.46 19.39 23.29
CA LYS A 121 -13.91 19.47 23.30
C LYS A 121 -14.45 19.70 21.89
N LYS A 122 -13.80 20.57 21.13
CA LYS A 122 -14.21 20.82 19.76
C LYS A 122 -14.12 19.55 18.91
N VAL A 123 -13.04 18.79 19.06
CA VAL A 123 -12.85 17.56 18.30
C VAL A 123 -13.93 16.54 18.66
N VAL A 124 -14.17 16.33 19.95
CA VAL A 124 -15.19 15.38 20.40
C VAL A 124 -16.58 15.71 19.84
N GLU A 125 -16.95 16.99 19.83
CA GLU A 125 -18.27 17.36 19.33
C GLU A 125 -18.43 16.99 17.86
N TYR A 126 -17.38 17.19 17.08
CA TYR A 126 -17.42 16.80 15.68
C TYR A 126 -17.40 15.27 15.53
N ALA A 127 -16.47 14.64 16.23
CA ALA A 127 -16.24 13.21 16.10
C ALA A 127 -17.44 12.36 16.55
N HIS A 128 -18.05 12.74 17.66
CA HIS A 128 -19.11 11.94 18.24
C HIS A 128 -20.39 12.00 17.39
N GLU A 129 -20.55 13.06 16.61
CA GLU A 129 -21.68 13.08 15.67
C GLU A 129 -21.42 12.23 14.42
N LYS A 130 -20.20 11.72 14.27
CA LYS A 130 -19.84 10.87 13.16
C LYS A 130 -19.57 9.45 13.61
N GLY A 131 -19.77 9.18 14.90
CA GLY A 131 -19.52 7.87 15.46
C GLY A 131 -18.04 7.59 15.69
N VAL A 132 -17.25 8.65 15.83
CA VAL A 132 -15.79 8.50 15.92
C VAL A 132 -15.35 8.64 17.37
N SER A 133 -14.48 7.72 17.81
CA SER A 133 -13.94 7.77 19.18
C SER A 133 -12.78 8.75 19.28
N VAL A 134 -12.58 9.33 20.48
CA VAL A 134 -11.54 10.34 20.66
C VAL A 134 -10.65 10.04 21.86
N GLU A 135 -9.35 10.13 21.61
CA GLU A 135 -8.32 10.01 22.66
C GLU A 135 -7.67 11.39 22.86
N ALA A 136 -7.38 11.78 24.10
CA ALA A 136 -6.58 12.98 24.35
C ALA A 136 -5.43 12.65 25.30
N GLU A 137 -4.48 13.57 25.46
CA GLU A 137 -3.29 13.31 26.27
C GLU A 137 -2.99 14.40 27.32
N LEU A 138 -2.51 13.98 28.49
CA LEU A 138 -2.04 14.90 29.52
C LEU A 138 -0.70 14.39 30.03
N GLY A 139 0.18 15.30 30.42
CA GLY A 139 1.51 14.92 30.88
C GLY A 139 2.45 14.78 29.70
N THR A 140 3.73 14.55 29.97
CA THR A 140 4.74 14.47 28.93
CA THR A 140 4.65 14.39 28.86
C THR A 140 5.58 13.20 29.02
N VAL A 141 5.77 12.51 27.90
CA VAL A 141 6.62 11.33 27.82
C VAL A 141 8.05 11.79 27.74
N GLY A 142 8.92 11.22 28.59
CA GLY A 142 10.28 11.70 28.68
C GLY A 142 11.26 11.07 27.70
N GLY A 143 12.55 11.38 27.89
CA GLY A 143 13.61 10.83 27.06
C GLY A 143 14.23 11.84 26.12
N ASP A 146 17.81 16.16 25.38
CA ASP A 146 18.18 15.17 26.40
C ASP A 146 19.12 15.78 27.44
N ASP A 147 19.25 15.09 28.57
CA ASP A 147 19.94 15.54 29.81
C ASP A 147 19.01 16.45 30.64
N VAL A 148 17.71 16.27 30.45
CA VAL A 148 16.69 17.06 31.12
C VAL A 148 16.47 16.62 32.57
N VAL A 149 16.17 17.57 33.45
CA VAL A 149 15.69 17.25 34.80
C VAL A 149 14.56 16.23 34.74
N ALA A 150 14.63 15.23 35.62
CA ALA A 150 13.67 14.13 35.68
C ALA A 150 13.46 13.42 34.34
N ASP A 151 14.47 13.47 33.49
CA ASP A 151 14.43 12.87 32.15
C ASP A 151 13.27 13.38 31.30
N GLY A 152 12.80 14.57 31.61
CA GLY A 152 11.74 15.19 30.81
C GLY A 152 10.38 14.58 31.08
N ILE A 153 10.28 13.80 32.15
CA ILE A 153 9.01 13.20 32.54
C ILE A 153 8.15 14.18 33.31
N ILE A 154 6.92 14.37 32.85
CA ILE A 154 5.93 15.11 33.62
C ILE A 154 4.68 14.27 33.74
N TYR A 155 4.38 13.81 34.95
CA TYR A 155 3.18 13.02 35.20
C TYR A 155 1.93 13.82 34.85
N ALA A 156 0.93 13.16 34.29
CA ALA A 156 -0.38 13.76 34.14
C ALA A 156 -0.94 14.10 35.53
N ASP A 157 -1.54 15.27 35.63
CA ASP A 157 -2.16 15.75 36.86
C ASP A 157 -3.58 15.18 37.03
N PRO A 158 -3.84 14.53 38.18
CA PRO A 158 -5.11 13.83 38.41
C PRO A 158 -6.30 14.78 38.35
N LYS A 159 -6.11 16.02 38.80
CA LYS A 159 -7.20 16.98 38.75
C LYS A 159 -7.41 17.40 37.31
N GLU A 160 -6.33 17.66 36.58
CA GLU A 160 -6.44 17.94 35.15
C GLU A 160 -7.10 16.77 34.43
N CYS A 161 -6.70 15.54 34.76
CA CYS A 161 -7.26 14.35 34.10
C CYS A 161 -8.77 14.32 34.28
N GLN A 162 -9.18 14.47 35.54
CA GLN A 162 -10.59 14.44 35.90
C GLN A 162 -11.38 15.52 35.18
N GLU A 163 -10.83 16.73 35.16
CA GLU A 163 -11.54 17.85 34.59
C GLU A 163 -11.62 17.78 33.06
N LEU A 164 -10.54 17.35 32.42
CA LEU A 164 -10.58 17.23 30.98
C LEU A 164 -11.62 16.19 30.54
N VAL A 165 -11.66 15.07 31.23
CA VAL A 165 -12.63 14.02 30.91
C VAL A 165 -14.05 14.55 31.05
N GLU A 166 -14.34 15.21 32.17
CA GLU A 166 -15.69 15.74 32.43
C GLU A 166 -16.10 16.81 31.43
N LYS A 167 -15.18 17.68 31.05
CA LYS A 167 -15.51 18.80 30.20
C LYS A 167 -15.57 18.48 28.72
N THR A 168 -14.87 17.42 28.29
CA THR A 168 -14.76 17.16 26.86
C THR A 168 -15.56 15.95 26.40
N GLY A 169 -15.68 14.94 27.25
CA GLY A 169 -16.40 13.72 26.88
C GLY A 169 -15.57 12.75 26.04
N ILE A 170 -14.24 12.87 26.09
CA ILE A 170 -13.38 11.91 25.40
C ILE A 170 -13.68 10.47 25.82
N ASP A 171 -13.29 9.53 24.97
CA ASP A 171 -13.54 8.11 25.19
C ASP A 171 -12.35 7.39 25.81
N ALA A 172 -11.16 7.91 25.57
CA ALA A 172 -9.96 7.33 26.13
C ALA A 172 -8.96 8.43 26.50
N LEU A 173 -8.16 8.16 27.53
CA LEU A 173 -7.19 9.12 28.02
C LEU A 173 -5.78 8.55 28.03
N ALA A 174 -4.83 9.34 27.55
CA ALA A 174 -3.42 8.98 27.60
C ALA A 174 -2.73 9.81 28.67
N PRO A 175 -2.62 9.25 29.88
CA PRO A 175 -1.91 10.01 30.91
C PRO A 175 -0.46 9.56 30.99
N ALA A 176 0.46 10.44 30.61
CA ALA A 176 1.89 10.13 30.72
C ALA A 176 2.25 9.94 32.19
N LEU A 177 2.86 8.81 32.53
CA LEU A 177 3.12 8.53 33.94
C LEU A 177 4.46 7.85 34.14
N GLY A 178 5.44 8.27 33.36
CA GLY A 178 6.78 7.74 33.56
C GLY A 178 7.35 7.07 32.34
N SER A 179 6.52 6.85 31.31
CA SER A 179 7.01 6.40 30.01
C SER A 179 8.07 7.34 29.47
N VAL A 180 9.03 6.77 28.76
CA VAL A 180 10.02 7.57 28.05
C VAL A 180 10.09 7.11 26.60
N HIS A 181 10.61 7.96 25.73
CA HIS A 181 10.80 7.57 24.34
C HIS A 181 12.14 8.00 23.76
N GLY A 182 12.92 7.02 23.32
CA GLY A 182 14.20 7.28 22.67
C GLY A 182 15.26 6.25 23.02
N PRO A 188 12.53 2.67 32.66
CA PRO A 188 11.64 3.66 33.30
C PRO A 188 10.73 3.02 34.35
N LYS A 189 10.16 3.85 35.21
CA LYS A 189 9.30 3.36 36.28
C LYS A 189 7.93 4.02 36.17
N LEU A 190 6.92 3.22 35.87
CA LEU A 190 5.57 3.74 35.76
C LEU A 190 5.00 4.07 37.13
N GLY A 191 4.21 5.14 37.20
CA GLY A 191 3.54 5.50 38.42
C GLY A 191 2.26 4.71 38.53
N PHE A 192 2.38 3.46 38.99
CA PHE A 192 1.23 2.56 39.03
C PHE A 192 0.10 3.02 39.95
N LYS A 193 0.44 3.69 41.04
CA LYS A 193 -0.62 4.13 41.95
C LYS A 193 -1.33 5.34 41.36
N GLU A 194 -0.58 6.22 40.69
CA GLU A 194 -1.19 7.34 39.98
C GLU A 194 -2.07 6.81 38.86
N MET A 195 -1.59 5.78 38.16
CA MET A 195 -2.37 5.19 37.07
C MET A 195 -3.68 4.65 37.57
N GLU A 196 -3.62 4.03 38.75
CA GLU A 196 -4.80 3.48 39.38
C GLU A 196 -5.84 4.54 39.73
N GLU A 197 -5.40 5.65 40.33
CA GLU A 197 -6.34 6.69 40.75
CA GLU A 197 -6.34 6.69 40.74
C GLU A 197 -6.99 7.35 39.53
N ILE A 198 -6.20 7.56 38.48
CA ILE A 198 -6.73 8.22 37.28
C ILE A 198 -7.75 7.32 36.57
N GLY A 199 -7.41 6.04 36.47
CA GLY A 199 -8.34 5.08 35.90
C GLY A 199 -9.64 5.08 36.66
N LEU A 200 -9.54 5.02 37.99
CA LEU A 200 -10.71 4.95 38.85
C LEU A 200 -11.56 6.20 38.77
N SER A 201 -10.93 7.37 38.88
CA SER A 201 -11.66 8.63 38.94
C SER A 201 -12.28 9.00 37.59
N THR A 202 -11.55 8.77 36.50
CA THR A 202 -12.10 9.13 35.19
C THR A 202 -13.06 8.07 34.67
N GLY A 203 -12.83 6.82 35.06
CA GLY A 203 -13.65 5.72 34.58
C GLY A 203 -13.46 5.41 33.10
N LEU A 204 -12.39 5.94 32.52
CA LEU A 204 -12.12 5.72 31.10
C LEU A 204 -11.02 4.69 30.90
N PRO A 205 -11.05 3.99 29.76
CA PRO A 205 -9.88 3.21 29.36
C PRO A 205 -8.68 4.14 29.19
N LEU A 206 -7.51 3.68 29.65
CA LEU A 206 -6.31 4.48 29.59
C LEU A 206 -5.38 3.99 28.48
N VAL A 207 -4.64 4.92 27.90
CA VAL A 207 -3.75 4.62 26.79
C VAL A 207 -2.31 4.79 27.25
N LEU A 208 -1.45 3.85 26.86
CA LEU A 208 -0.04 3.93 27.18
C LEU A 208 0.79 4.28 25.95
N HIS A 209 1.42 5.45 25.99
CA HIS A 209 2.41 5.83 24.99
C HIS A 209 3.80 5.57 25.55
N GLY A 210 4.78 5.41 24.68
CA GLY A 210 6.16 5.18 25.10
C GLY A 210 6.35 3.77 25.62
N GLY A 211 5.54 2.85 25.12
CA GLY A 211 5.55 1.47 25.57
C GLY A 211 6.80 0.70 25.18
N THR A 212 7.45 1.11 24.10
CA THR A 212 8.63 0.41 23.61
C THR A 212 9.66 0.28 24.71
N GLY A 213 10.11 -0.95 24.94
CA GLY A 213 11.17 -1.18 25.91
C GLY A 213 10.69 -1.27 27.35
N ILE A 214 9.38 -1.10 27.57
CA ILE A 214 8.81 -1.37 28.89
C ILE A 214 8.69 -2.88 29.08
N PRO A 215 9.36 -3.42 30.11
CA PRO A 215 9.41 -4.86 30.37
C PRO A 215 8.02 -5.47 30.52
N THR A 216 7.85 -6.72 30.04
CA THR A 216 6.54 -7.36 29.98
C THR A 216 5.80 -7.28 31.31
N LYS A 217 6.53 -7.35 32.42
CA LYS A 217 5.85 -7.40 33.70
C LYS A 217 5.30 -6.04 34.16
N ASP A 218 5.95 -4.95 33.78
CA ASP A 218 5.35 -3.65 34.03
C ASP A 218 4.13 -3.46 33.12
N ILE A 219 4.24 -3.94 31.88
CA ILE A 219 3.10 -3.97 30.97
C ILE A 219 1.94 -4.76 31.60
N GLN A 220 2.27 -5.94 32.12
CA GLN A 220 1.27 -6.78 32.79
C GLN A 220 0.65 -6.08 34.01
N LYS A 221 1.44 -5.30 34.74
CA LYS A 221 0.92 -4.56 35.89
C LYS A 221 0.04 -3.39 35.47
N ALA A 222 0.37 -2.74 34.36
CA ALA A 222 -0.37 -1.52 33.95
C ALA A 222 -1.79 -1.82 33.53
N ILE A 223 -1.99 -2.99 32.94
CA ILE A 223 -3.28 -3.33 32.35
C ILE A 223 -4.44 -3.43 33.36
N PRO A 224 -4.26 -4.18 34.49
CA PRO A 224 -5.42 -4.15 35.40
C PRO A 224 -5.64 -2.82 36.11
N PHE A 225 -4.66 -1.91 36.06
CA PHE A 225 -4.88 -0.58 36.64
C PHE A 225 -5.61 0.34 35.67
N GLY A 226 -5.99 -0.18 34.50
CA GLY A 226 -6.84 0.55 33.58
C GLY A 226 -6.29 0.81 32.18
N THR A 227 -5.04 0.41 31.95
CA THR A 227 -4.44 0.58 30.62
C THR A 227 -5.05 -0.43 29.64
N ALA A 228 -5.79 0.07 28.65
CA ALA A 228 -6.56 -0.77 27.74
C ALA A 228 -6.07 -0.66 26.29
N LYS A 229 -5.20 0.30 26.03
CA LYS A 229 -4.65 0.54 24.70
C LYS A 229 -3.16 0.78 24.85
N ILE A 230 -2.35 0.04 24.10
CA ILE A 230 -0.92 0.24 24.15
C ILE A 230 -0.37 0.44 22.74
N ASN A 231 0.36 1.53 22.53
CA ASN A 231 0.84 1.90 21.20
C ASN A 231 2.16 1.22 20.85
N VAL A 232 2.23 0.70 19.62
CA VAL A 232 3.35 -0.09 19.17
C VAL A 232 3.76 0.38 17.80
N ASN A 233 5.03 0.72 17.64
CA ASN A 233 5.51 1.29 16.38
C ASN A 233 6.97 0.92 16.08
N THR A 234 7.90 1.49 16.85
CA THR A 234 9.33 1.25 16.61
C THR A 234 9.71 -0.25 16.63
N GLU A 235 9.07 -1.04 17.50
CA GLU A 235 9.34 -2.48 17.54
C GLU A 235 9.12 -3.13 16.17
N ASN A 236 8.06 -2.70 15.48
CA ASN A 236 7.80 -3.20 14.13
C ASN A 236 8.80 -2.72 13.09
N GLN A 237 9.18 -1.45 13.19
CA GLN A 237 10.15 -0.87 12.25
C GLN A 237 11.51 -1.55 12.42
N ILE A 238 11.88 -1.82 13.66
CA ILE A 238 13.16 -2.45 13.95
C ILE A 238 13.21 -3.86 13.37
N ALA A 239 12.16 -4.65 13.64
CA ALA A 239 12.08 -6.03 13.15
C ALA A 239 12.05 -6.11 11.62
N SER A 240 11.30 -5.20 10.99
CA SER A 240 11.19 -5.25 9.52
C SER A 240 12.50 -4.80 8.88
N ALA A 241 13.12 -3.77 9.43
CA ALA A 241 14.41 -3.29 8.89
C ALA A 241 15.50 -4.35 9.01
N LYS A 242 15.53 -5.07 10.12
CA LYS A 242 16.53 -6.13 10.30
C LYS A 242 16.31 -7.25 9.27
N ALA A 243 15.06 -7.61 9.01
CA ALA A 243 14.77 -8.64 8.01
C ALA A 243 15.22 -8.19 6.60
N VAL A 244 15.05 -6.90 6.29
CA VAL A 244 15.46 -6.41 4.98
C VAL A 244 16.97 -6.48 4.84
N ARG A 245 17.67 -5.94 5.85
CA ARG A 245 19.12 -5.97 5.88
C ARG A 245 19.68 -7.38 5.69
N ASP A 246 19.09 -8.34 6.39
CA ASP A 246 19.54 -9.73 6.33
C ASP A 246 19.34 -10.34 4.94
N VAL A 247 18.22 -10.01 4.28
CA VAL A 247 18.00 -10.49 2.93
C VAL A 247 19.03 -9.88 1.99
N LEU A 248 19.22 -8.57 2.08
CA LEU A 248 20.09 -7.87 1.15
C LEU A 248 21.57 -8.15 1.40
N ASN A 249 21.96 -8.38 2.65
CA ASN A 249 23.36 -8.65 2.97
C ASN A 249 23.75 -10.10 2.66
N ASN A 250 22.76 -10.99 2.58
CA ASN A 250 23.01 -12.39 2.27
C ASN A 250 22.99 -12.69 0.77
N ASP A 251 22.22 -11.89 0.02
CA ASP A 251 22.11 -12.04 -1.43
C ASP A 251 22.33 -10.69 -2.09
N LYS A 252 23.49 -10.50 -2.69
CA LYS A 252 23.83 -9.21 -3.28
C LYS A 252 23.17 -9.01 -4.64
N GLU A 253 22.54 -10.05 -5.18
CA GLU A 253 21.94 -9.98 -6.52
C GLU A 253 20.46 -9.66 -6.52
N VAL A 254 19.79 -9.87 -5.39
CA VAL A 254 18.34 -9.80 -5.37
C VAL A 254 17.82 -8.36 -5.56
N TYR A 255 16.82 -8.19 -6.43
CA TYR A 255 16.21 -6.87 -6.59
C TYR A 255 14.68 -6.86 -6.58
N ASP A 256 14.07 -8.02 -6.76
CA ASP A 256 12.62 -8.16 -6.60
C ASP A 256 12.20 -7.65 -5.23
N PRO A 257 11.39 -6.57 -5.17
CA PRO A 257 10.96 -5.98 -3.90
C PRO A 257 10.27 -6.99 -2.97
N ARG A 258 9.62 -7.99 -3.53
CA ARG A 258 8.94 -8.97 -2.71
C ARG A 258 9.91 -9.85 -1.91
N LYS A 259 11.12 -10.01 -2.43
CA LYS A 259 12.11 -10.88 -1.77
C LYS A 259 12.73 -10.25 -0.51
N TYR A 260 12.66 -8.94 -0.35
CA TYR A 260 13.08 -8.38 0.93
C TYR A 260 11.93 -7.78 1.73
N LEU A 261 10.90 -7.27 1.05
CA LEU A 261 9.77 -6.69 1.80
C LEU A 261 8.77 -7.78 2.26
N GLY A 262 8.77 -8.93 1.58
CA GLY A 262 8.04 -10.08 2.07
C GLY A 262 8.52 -10.53 3.44
N PRO A 263 9.83 -10.82 3.57
CA PRO A 263 10.38 -11.11 4.91
C PRO A 263 10.16 -9.98 5.93
N ALA A 264 10.27 -8.72 5.51
CA ALA A 264 9.93 -7.60 6.39
C ALA A 264 8.52 -7.74 6.93
N ARG A 265 7.57 -8.02 6.04
CA ARG A 265 6.18 -8.22 6.44
C ARG A 265 6.02 -9.37 7.43
N GLU A 266 6.67 -10.51 7.16
CA GLU A 266 6.61 -11.63 8.08
C GLU A 266 7.19 -11.24 9.44
N ALA A 267 8.24 -10.44 9.43
CA ALA A 267 8.88 -10.02 10.68
C ALA A 267 7.93 -9.14 11.50
N ILE A 268 7.18 -8.27 10.82
CA ILE A 268 6.19 -7.45 11.51
C ILE A 268 5.09 -8.33 12.09
N LYS A 269 4.66 -9.30 11.30
CA LYS A 269 3.58 -10.18 11.70
C LYS A 269 3.94 -10.92 12.99
N GLU A 270 5.16 -11.44 13.07
CA GLU A 270 5.55 -12.18 14.26
C GLU A 270 5.75 -11.24 15.44
N THR A 271 6.21 -10.02 15.18
CA THR A 271 6.31 -9.01 16.25
C THR A 271 4.96 -8.70 16.84
N VAL A 272 3.99 -8.48 15.96
CA VAL A 272 2.64 -8.14 16.38
C VAL A 272 1.99 -9.26 17.22
N LYS A 273 2.18 -10.50 16.79
CA LYS A 273 1.64 -11.65 17.53
C LYS A 273 2.22 -11.73 18.94
N GLY A 274 3.53 -11.49 19.07
CA GLY A 274 4.16 -11.34 20.36
C GLY A 274 3.51 -10.30 21.26
N LYS A 275 3.25 -9.11 20.71
CA LYS A 275 2.59 -8.06 21.47
C LYS A 275 1.17 -8.48 21.83
N ILE A 276 0.49 -9.14 20.88
CA ILE A 276 -0.87 -9.61 21.13
C ILE A 276 -0.88 -10.56 22.32
N LYS A 277 0.11 -11.45 22.39
CA LYS A 277 0.22 -12.37 23.52
C LYS A 277 0.47 -11.62 24.84
N GLU A 278 1.32 -10.59 24.81
CA GLU A 278 1.60 -9.78 26.01
C GLU A 278 0.36 -9.08 26.49
N PHE A 279 -0.38 -8.53 25.55
CA PHE A 279 -1.48 -7.63 25.86
C PHE A 279 -2.75 -8.40 26.24
N GLY A 280 -2.76 -9.69 25.94
CA GLY A 280 -3.90 -10.54 26.26
C GLY A 280 -5.04 -10.38 25.28
N THR A 281 -4.74 -9.86 24.08
CA THR A 281 -5.79 -9.54 23.13
C THR A 281 -6.33 -10.80 22.40
N SER A 282 -5.62 -11.91 22.49
CA SER A 282 -6.03 -13.11 21.74
C SER A 282 -7.45 -13.54 22.13
N ASN A 283 -8.21 -13.97 21.14
CA ASN A 283 -9.53 -14.54 21.36
C ASN A 283 -10.48 -13.61 22.10
N ARG A 284 -10.36 -12.32 21.84
CA ARG A 284 -11.25 -11.33 22.45
C ARG A 284 -12.23 -10.80 21.42
N ALA A 285 -11.95 -11.03 20.14
CA ALA A 285 -12.90 -10.64 19.10
C ALA A 285 -14.12 -11.55 19.11
N LYS A 286 -15.30 -10.96 19.24
CA LYS A 286 -16.53 -11.75 19.18
C LYS A 286 -17.10 -11.71 17.77
N HIS A 287 -17.90 -12.73 17.41
CA HIS A 287 -18.48 -12.84 16.07
C HIS A 287 -19.20 -11.58 15.63
N PRO B 2 -8.70 9.98 -14.98
CA PRO B 2 -9.76 9.01 -14.75
C PRO B 2 -9.28 7.58 -14.99
N LEU B 3 -9.95 6.61 -14.38
CA LEU B 3 -9.68 5.20 -14.65
C LEU B 3 -10.37 4.80 -15.95
N VAL B 4 -9.57 4.36 -16.92
CA VAL B 4 -10.07 4.02 -18.24
C VAL B 4 -9.42 2.71 -18.66
N SER B 5 -9.95 2.05 -19.68
CA SER B 5 -9.25 0.92 -20.27
C SER B 5 -8.06 1.41 -21.09
N MET B 6 -7.37 0.48 -21.74
CA MET B 6 -6.25 0.81 -22.62
C MET B 6 -6.70 1.21 -24.02
N LYS B 7 -7.99 1.09 -24.32
CA LYS B 7 -8.40 1.09 -25.73
C LYS B 7 -8.15 2.40 -26.46
N GLU B 8 -8.67 3.50 -25.92
CA GLU B 8 -8.52 4.77 -26.62
C GLU B 8 -7.09 5.30 -26.48
N MET B 9 -6.46 5.07 -25.33
CA MET B 9 -5.10 5.57 -25.16
C MET B 9 -4.11 4.86 -26.11
N LEU B 10 -4.32 3.59 -26.43
CA LEU B 10 -3.39 2.90 -27.32
C LEU B 10 -3.68 3.22 -28.79
N ILE B 11 -4.95 3.46 -29.12
CA ILE B 11 -5.29 3.93 -30.46
C ILE B 11 -4.66 5.30 -30.72
N ASP B 12 -4.76 6.19 -29.74
N ASP B 12 -4.74 6.20 -29.74
CA ASP B 12 -4.14 7.52 -29.85
CA ASP B 12 -4.12 7.51 -29.89
C ASP B 12 -2.62 7.40 -29.96
C ASP B 12 -2.60 7.37 -30.00
N ALA B 13 -2.02 6.53 -29.16
CA ALA B 13 -0.58 6.29 -29.22
C ALA B 13 -0.14 5.79 -30.60
N LYS B 14 -0.85 4.79 -31.12
CA LYS B 14 -0.51 4.22 -32.43
C LYS B 14 -0.64 5.27 -33.53
N GLU B 15 -1.72 6.02 -33.49
CA GLU B 15 -2.02 7.01 -34.52
C GLU B 15 -1.00 8.13 -34.54
N ASN B 16 -0.46 8.48 -33.38
CA ASN B 16 0.44 9.63 -33.28
C ASN B 16 1.91 9.31 -33.04
N GLY B 17 2.27 8.05 -33.14
CA GLY B 17 3.67 7.68 -33.11
C GLY B 17 4.36 7.76 -31.77
N TYR B 18 3.66 7.40 -30.71
CA TYR B 18 4.32 7.22 -29.42
C TYR B 18 3.83 5.94 -28.76
N ALA B 19 4.40 5.62 -27.60
CA ALA B 19 3.95 4.47 -26.83
C ALA B 19 3.60 4.87 -25.40
N VAL B 20 2.68 4.11 -24.80
CA VAL B 20 2.35 4.26 -23.38
C VAL B 20 3.04 3.13 -22.64
N GLY B 21 3.81 3.46 -21.62
CA GLY B 21 4.46 2.42 -20.84
C GLY B 21 3.45 1.72 -19.94
N GLN B 22 3.58 0.40 -19.84
CA GLN B 22 2.98 -0.33 -18.73
C GLN B 22 4.06 -0.47 -17.68
N TYR B 23 3.86 0.15 -16.51
CA TYR B 23 4.79 0.02 -15.40
C TYR B 23 4.15 -0.88 -14.35
N ASN B 24 4.80 -2.00 -14.04
CA ASN B 24 4.24 -2.96 -13.08
C ASN B 24 4.32 -2.43 -11.67
N ILE B 25 3.26 -2.65 -10.90
CA ILE B 25 3.29 -2.23 -9.51
C ILE B 25 3.47 -3.44 -8.61
N ASN B 26 4.17 -3.25 -7.50
CA ASN B 26 4.37 -4.34 -6.53
C ASN B 26 3.88 -4.00 -5.13
N ASN B 27 3.72 -2.71 -4.82
CA ASN B 27 3.16 -2.30 -3.54
C ASN B 27 2.74 -0.84 -3.60
N LEU B 28 2.53 -0.23 -2.45
CA LEU B 28 2.08 1.16 -2.42
C LEU B 28 3.07 2.09 -3.08
N GLU B 29 4.33 2.03 -2.64
CA GLU B 29 5.36 2.95 -3.11
C GLU B 29 5.57 2.87 -4.64
N PHE B 30 5.50 1.68 -5.21
CA PHE B 30 5.57 1.52 -6.67
C PHE B 30 4.43 2.27 -7.35
N THR B 31 3.23 2.13 -6.80
CA THR B 31 2.04 2.74 -7.40
C THR B 31 2.11 4.27 -7.31
N GLN B 32 2.50 4.78 -6.15
CA GLN B 32 2.69 6.23 -5.97
C GLN B 32 3.66 6.79 -7.00
N ALA B 33 4.85 6.19 -7.08
CA ALA B 33 5.88 6.66 -7.99
C ALA B 33 5.41 6.70 -9.44
N ILE B 34 4.79 5.63 -9.91
CA ILE B 34 4.36 5.57 -11.30
C ILE B 34 3.26 6.60 -11.61
N LEU B 35 2.30 6.74 -10.70
CA LEU B 35 1.24 7.72 -10.88
C LEU B 35 1.76 9.16 -10.84
N GLU B 36 2.60 9.49 -9.84
CA GLU B 36 3.14 10.85 -9.73
C GLU B 36 3.98 11.21 -10.95
N ALA B 37 4.82 10.28 -11.37
CA ALA B 37 5.69 10.52 -12.50
C ALA B 37 4.89 10.82 -13.76
N SER B 38 3.83 10.05 -14.00
CA SER B 38 3.06 10.19 -15.23
C SER B 38 2.22 11.47 -15.22
N GLN B 39 1.65 11.77 -14.06
CA GLN B 39 0.91 13.02 -13.87
C GLN B 39 1.81 14.23 -14.09
N GLU B 40 3.03 14.18 -13.54
CA GLU B 40 3.96 15.28 -13.68
C GLU B 40 4.42 15.43 -15.14
N GLU B 41 4.33 14.35 -15.91
CA GLU B 41 4.69 14.38 -17.32
C GLU B 41 3.49 14.60 -18.22
N ASN B 42 2.32 14.87 -17.63
CA ASN B 42 1.07 14.99 -18.40
C ASN B 42 0.84 13.83 -19.35
N ALA B 43 1.06 12.60 -18.85
CA ALA B 43 1.06 11.43 -19.71
C ALA B 43 0.05 10.39 -19.23
N PRO B 44 -0.65 9.72 -20.18
CA PRO B 44 -1.46 8.57 -19.75
C PRO B 44 -0.54 7.45 -19.26
N VAL B 45 -1.07 6.53 -18.48
CA VAL B 45 -0.23 5.45 -17.97
C VAL B 45 -1.03 4.16 -17.82
N ILE B 46 -0.35 3.03 -17.98
CA ILE B 46 -0.93 1.73 -17.68
C ILE B 46 -0.25 1.12 -16.45
N LEU B 47 -1.04 0.77 -15.43
CA LEU B 47 -0.52 0.10 -14.25
C LEU B 47 -0.62 -1.40 -14.44
N GLY B 48 0.53 -2.06 -14.54
CA GLY B 48 0.57 -3.49 -14.77
C GLY B 48 0.58 -4.30 -13.48
N VAL B 49 -0.20 -5.36 -13.45
CA VAL B 49 -0.24 -6.24 -12.28
C VAL B 49 -0.12 -7.72 -12.70
N SER B 50 0.97 -8.38 -12.33
CA SER B 50 1.09 -9.80 -12.61
C SER B 50 0.25 -10.56 -11.59
N GLU B 51 -0.02 -11.83 -11.84
CA GLU B 51 -0.83 -12.58 -10.89
C GLU B 51 -0.06 -12.79 -9.60
N GLY B 52 1.26 -12.92 -9.67
CA GLY B 52 2.07 -13.05 -8.48
C GLY B 52 2.09 -11.76 -7.66
N ALA B 53 2.17 -10.63 -8.35
CA ALA B 53 2.14 -9.32 -7.69
C ALA B 53 0.81 -9.10 -6.97
N ALA B 54 -0.28 -9.56 -7.58
CA ALA B 54 -1.60 -9.42 -6.99
C ALA B 54 -1.73 -10.26 -5.72
N ARG B 55 -1.23 -11.49 -5.77
CA ARG B 55 -1.22 -12.32 -4.55
C ARG B 55 -0.44 -11.63 -3.44
N TYR B 56 0.69 -11.04 -3.79
CA TYR B 56 1.52 -10.32 -2.83
C TYR B 56 0.77 -9.12 -2.24
N MET B 57 -0.03 -8.46 -3.05
CA MET B 57 -0.79 -7.30 -2.60
C MET B 57 -2.18 -7.71 -2.11
N SER B 58 -2.31 -8.99 -1.78
CA SER B 58 -3.49 -9.60 -1.15
C SER B 58 -4.64 -9.86 -2.12
N GLY B 59 -4.82 -9.02 -3.13
CA GLY B 59 -5.79 -9.32 -4.16
C GLY B 59 -6.03 -8.21 -5.16
N PHE B 60 -6.77 -8.53 -6.20
CA PHE B 60 -7.12 -7.54 -7.22
C PHE B 60 -7.91 -6.37 -6.65
N TYR B 61 -8.84 -6.67 -5.75
CA TYR B 61 -9.70 -5.64 -5.16
C TYR B 61 -8.90 -4.65 -4.34
N THR B 62 -7.98 -5.15 -3.52
CA THR B 62 -7.07 -4.29 -2.78
C THR B 62 -6.32 -3.32 -3.70
N ILE B 63 -5.84 -3.83 -4.83
CA ILE B 63 -5.12 -2.98 -5.78
C ILE B 63 -6.00 -1.85 -6.33
N VAL B 64 -7.20 -2.20 -6.79
CA VAL B 64 -8.13 -1.20 -7.29
C VAL B 64 -8.48 -0.16 -6.20
N LYS B 65 -8.77 -0.62 -4.99
CA LYS B 65 -9.03 0.30 -3.87
C LYS B 65 -7.86 1.26 -3.66
N MET B 66 -6.66 0.71 -3.60
CA MET B 66 -5.45 1.52 -3.41
C MET B 66 -5.26 2.58 -4.51
N VAL B 67 -5.44 2.17 -5.78
CA VAL B 67 -5.36 3.13 -6.90
C VAL B 67 -6.44 4.21 -6.81
N GLU B 68 -7.67 3.83 -6.47
CA GLU B 68 -8.75 4.81 -6.26
C GLU B 68 -8.37 5.84 -5.19
N GLY B 69 -7.81 5.37 -4.08
CA GLY B 69 -7.29 6.26 -3.04
C GLY B 69 -6.29 7.26 -3.61
N LEU B 70 -5.28 6.75 -4.30
CA LEU B 70 -4.22 7.60 -4.82
C LEU B 70 -4.68 8.58 -5.91
N MET B 71 -5.59 8.13 -6.79
CA MET B 71 -6.16 9.02 -7.82
C MET B 71 -6.70 10.28 -7.17
N HIS B 72 -7.35 10.09 -6.02
CA HIS B 72 -7.89 11.22 -5.28
C HIS B 72 -6.80 12.02 -4.57
N ASP B 73 -6.00 11.36 -3.73
CA ASP B 73 -5.05 12.08 -2.89
C ASP B 73 -3.90 12.72 -3.69
N LEU B 74 -3.54 12.12 -4.82
CA LEU B 74 -2.47 12.67 -5.67
C LEU B 74 -3.04 13.61 -6.72
N ASN B 75 -4.35 13.85 -6.68
CA ASN B 75 -5.03 14.68 -7.68
C ASN B 75 -4.68 14.28 -9.12
N ILE B 76 -4.78 12.98 -9.39
CA ILE B 76 -4.50 12.47 -10.72
C ILE B 76 -5.58 12.89 -11.70
N THR B 77 -5.18 13.50 -12.81
CA THR B 77 -6.15 13.88 -13.84
C THR B 77 -5.87 13.19 -15.17
N ILE B 78 -4.72 12.55 -15.30
CA ILE B 78 -4.38 11.78 -16.50
C ILE B 78 -5.22 10.52 -16.62
N PRO B 79 -5.30 9.94 -17.84
CA PRO B 79 -5.92 8.62 -17.98
C PRO B 79 -5.04 7.53 -17.37
N VAL B 80 -5.66 6.64 -16.60
CA VAL B 80 -4.97 5.56 -15.90
C VAL B 80 -5.71 4.23 -16.15
N ALA B 81 -5.01 3.25 -16.70
CA ALA B 81 -5.57 1.89 -16.81
C ALA B 81 -4.96 0.96 -15.76
N ILE B 82 -5.78 0.08 -15.21
CA ILE B 82 -5.30 -0.97 -14.32
C ILE B 82 -5.37 -2.31 -15.09
N HIS B 83 -4.20 -2.90 -15.34
CA HIS B 83 -4.07 -3.96 -16.35
C HIS B 83 -3.50 -5.25 -15.76
N LEU B 84 -4.24 -6.34 -15.92
CA LEU B 84 -3.76 -7.66 -15.53
C LEU B 84 -2.71 -8.13 -16.53
N ASP B 85 -1.49 -8.31 -16.04
CA ASP B 85 -0.38 -8.69 -16.90
C ASP B 85 -0.22 -10.22 -16.92
N HIS B 86 -0.11 -10.79 -18.12
CA HIS B 86 0.08 -12.23 -18.28
C HIS B 86 -0.99 -13.04 -17.53
N GLY B 87 -2.25 -12.70 -17.77
CA GLY B 87 -3.37 -13.41 -17.17
C GLY B 87 -3.39 -14.83 -17.70
N SER B 88 -3.52 -15.80 -16.79
CA SER B 88 -3.29 -17.19 -17.15
C SER B 88 -4.55 -17.96 -17.55
N SER B 89 -5.73 -17.39 -17.28
CA SER B 89 -6.98 -18.09 -17.56
C SER B 89 -8.16 -17.12 -17.66
N PHE B 90 -9.26 -17.63 -18.22
CA PHE B 90 -10.49 -16.84 -18.26
C PHE B 90 -10.89 -16.45 -16.84
N GLU B 91 -10.81 -17.42 -15.93
CA GLU B 91 -11.25 -17.23 -14.55
C GLU B 91 -10.48 -16.11 -13.87
N LYS B 92 -9.16 -16.09 -14.08
CA LYS B 92 -8.32 -15.06 -13.48
C LYS B 92 -8.64 -13.69 -14.08
N CYS B 93 -8.86 -13.66 -15.39
CA CYS B 93 -9.24 -12.43 -16.06
C CYS B 93 -10.59 -11.92 -15.52
N LYS B 94 -11.56 -12.82 -15.39
CA LYS B 94 -12.88 -12.45 -14.87
C LYS B 94 -12.77 -11.92 -13.44
N GLU B 95 -11.95 -12.58 -12.64
CA GLU B 95 -11.74 -12.18 -11.26
C GLU B 95 -11.16 -10.76 -11.18
N ALA B 96 -10.16 -10.46 -12.01
CA ALA B 96 -9.58 -9.12 -12.01
C ALA B 96 -10.60 -8.06 -12.45
N ILE B 97 -11.35 -8.38 -13.49
CA ILE B 97 -12.35 -7.46 -14.03
C ILE B 97 -13.46 -7.22 -13.01
N ASP B 98 -13.94 -8.27 -12.37
CA ASP B 98 -15.00 -8.10 -11.38
C ASP B 98 -14.52 -7.25 -10.19
N ALA B 99 -13.22 -7.26 -9.90
CA ALA B 99 -12.69 -6.44 -8.80
C ALA B 99 -12.47 -4.97 -9.19
N GLY B 100 -12.56 -4.67 -10.49
CA GLY B 100 -12.45 -3.28 -10.95
C GLY B 100 -11.30 -2.98 -11.90
N PHE B 101 -10.56 -4.01 -12.34
CA PHE B 101 -9.53 -3.81 -13.37
C PHE B 101 -10.18 -3.31 -14.67
N THR B 102 -9.47 -2.45 -15.41
CA THR B 102 -10.02 -1.88 -16.64
C THR B 102 -9.45 -2.52 -17.90
N SER B 103 -8.48 -3.43 -17.74
CA SER B 103 -7.77 -4.03 -18.87
C SER B 103 -7.21 -5.39 -18.44
N VAL B 104 -7.13 -6.35 -19.37
CA VAL B 104 -6.50 -7.64 -19.05
C VAL B 104 -5.71 -8.13 -20.26
N MET B 105 -4.61 -8.80 -19.99
CA MET B 105 -3.93 -9.59 -21.00
C MET B 105 -4.25 -11.05 -20.71
N ILE B 106 -4.86 -11.74 -21.67
CA ILE B 106 -5.04 -13.17 -21.52
C ILE B 106 -3.89 -13.83 -22.27
N ASP B 107 -2.99 -14.48 -21.54
CA ASP B 107 -1.79 -15.03 -22.16
C ASP B 107 -1.91 -16.53 -22.34
N ALA B 108 -2.27 -16.94 -23.56
CA ALA B 108 -2.36 -18.36 -23.91
C ALA B 108 -1.36 -18.69 -25.02
N SER B 109 -0.28 -17.91 -25.10
CA SER B 109 0.70 -18.05 -26.18
C SER B 109 1.48 -19.38 -26.14
N HIS B 110 1.42 -20.10 -25.02
CA HIS B 110 2.08 -21.42 -24.95
C HIS B 110 1.13 -22.59 -25.19
N SER B 111 -0.14 -22.28 -25.40
CA SER B 111 -1.15 -23.25 -25.75
C SER B 111 -1.23 -23.38 -27.26
N PRO B 112 -1.79 -24.51 -27.75
CA PRO B 112 -2.06 -24.63 -29.18
C PRO B 112 -2.83 -23.41 -29.67
N PHE B 113 -2.52 -22.95 -30.87
CA PHE B 113 -3.13 -21.74 -31.42
C PHE B 113 -4.65 -21.77 -31.32
N GLU B 114 -5.29 -22.89 -31.65
CA GLU B 114 -6.76 -22.93 -31.60
C GLU B 114 -7.32 -22.73 -30.19
N GLU B 115 -6.57 -23.18 -29.19
CA GLU B 115 -6.98 -22.98 -27.81
C GLU B 115 -6.76 -21.52 -27.39
N ASN B 116 -5.66 -20.94 -27.84
CA ASN B 116 -5.41 -19.51 -27.63
C ASN B 116 -6.61 -18.70 -28.17
N VAL B 117 -6.99 -18.97 -29.42
CA VAL B 117 -8.17 -18.32 -30.00
C VAL B 117 -9.43 -18.50 -29.14
N ALA B 118 -9.72 -19.73 -28.71
CA ALA B 118 -10.95 -19.99 -27.96
C ALA B 118 -10.97 -19.29 -26.60
N THR B 119 -9.88 -19.40 -25.86
CA THR B 119 -9.81 -18.81 -24.52
C THR B 119 -9.81 -17.28 -24.62
N THR B 120 -9.05 -16.76 -25.56
CA THR B 120 -9.01 -15.32 -25.78
C THR B 120 -10.39 -14.79 -26.20
N LYS B 121 -11.03 -15.50 -27.11
CA LYS B 121 -12.37 -15.13 -27.54
C LYS B 121 -13.34 -15.05 -26.35
N LYS B 122 -13.28 -16.05 -25.47
CA LYS B 122 -14.11 -16.06 -24.28
C LYS B 122 -13.83 -14.87 -23.35
N VAL B 123 -12.56 -14.51 -23.19
CA VAL B 123 -12.21 -13.36 -22.35
C VAL B 123 -12.72 -12.05 -22.96
N VAL B 124 -12.57 -11.89 -24.28
CA VAL B 124 -13.04 -10.67 -24.95
C VAL B 124 -14.55 -10.50 -24.80
N GLU B 125 -15.29 -11.61 -24.90
CA GLU B 125 -16.74 -11.54 -24.82
C GLU B 125 -17.18 -11.02 -23.47
N TYR B 126 -16.54 -11.51 -22.41
CA TYR B 126 -16.82 -11.02 -21.07
C TYR B 126 -16.30 -9.57 -20.89
N ALA B 127 -15.03 -9.34 -21.22
CA ALA B 127 -14.42 -8.03 -20.97
C ALA B 127 -15.13 -6.90 -21.71
N HIS B 128 -15.52 -7.15 -22.96
CA HIS B 128 -16.10 -6.06 -23.74
C HIS B 128 -17.49 -5.69 -23.25
N GLU B 129 -18.08 -6.56 -22.44
CA GLU B 129 -19.36 -6.30 -21.79
C GLU B 129 -19.19 -5.34 -20.60
N LYS B 130 -17.95 -5.18 -20.15
CA LYS B 130 -17.62 -4.34 -19.00
C LYS B 130 -16.77 -3.15 -19.38
N GLY B 131 -16.53 -2.97 -20.68
CA GLY B 131 -15.70 -1.88 -21.15
C GLY B 131 -14.21 -2.13 -20.94
N VAL B 132 -13.84 -3.39 -20.73
CA VAL B 132 -12.44 -3.75 -20.45
C VAL B 132 -11.71 -4.07 -21.76
N SER B 133 -10.51 -3.52 -21.92
CA SER B 133 -9.68 -3.81 -23.09
C SER B 133 -8.92 -5.11 -22.90
N VAL B 134 -8.64 -5.82 -23.99
CA VAL B 134 -7.99 -7.13 -23.91
C VAL B 134 -6.78 -7.16 -24.84
N GLU B 135 -5.66 -7.61 -24.27
CA GLU B 135 -4.42 -7.89 -24.99
C GLU B 135 -4.22 -9.41 -25.05
N ALA B 136 -3.75 -9.93 -26.18
CA ALA B 136 -3.36 -11.33 -26.25
C ALA B 136 -1.95 -11.45 -26.83
N GLU B 137 -1.37 -12.65 -26.79
CA GLU B 137 0.02 -12.83 -27.21
C GLU B 137 0.22 -14.03 -28.15
N LEU B 138 1.10 -13.85 -29.13
CA LEU B 138 1.53 -14.93 -30.03
C LEU B 138 3.03 -14.86 -30.15
N GLY B 139 3.68 -16.02 -30.25
CA GLY B 139 5.13 -16.06 -30.32
C GLY B 139 5.71 -16.27 -28.94
N THR B 140 7.01 -16.51 -28.84
CA THR B 140 7.61 -16.63 -27.52
C THR B 140 8.86 -15.77 -27.37
N VAL B 141 8.92 -15.11 -26.22
CA VAL B 141 10.05 -14.29 -25.85
C VAL B 141 11.20 -15.19 -25.41
N GLY B 142 12.40 -14.97 -25.96
CA GLY B 142 13.52 -15.85 -25.71
C GLY B 142 14.22 -15.69 -24.37
N GLY B 143 15.19 -16.55 -24.11
CA GLY B 143 15.94 -16.53 -22.87
C GLY B 143 15.12 -16.99 -21.66
N ASP B 146 17.88 -21.75 -21.08
CA ASP B 146 19.32 -21.61 -21.34
C ASP B 146 19.87 -22.61 -22.38
N ASP B 147 20.73 -22.09 -23.27
CA ASP B 147 21.38 -22.84 -24.34
C ASP B 147 20.42 -23.36 -25.43
N VAL B 148 19.24 -22.75 -25.54
CA VAL B 148 18.23 -23.19 -26.49
C VAL B 148 18.55 -22.72 -27.90
N VAL B 149 18.24 -23.53 -28.92
CA VAL B 149 18.50 -23.06 -30.27
C VAL B 149 17.64 -21.81 -30.53
N ALA B 150 18.16 -20.94 -31.38
CA ALA B 150 17.57 -19.63 -31.68
C ALA B 150 17.30 -18.82 -30.40
N ASP B 151 18.01 -19.13 -29.32
CA ASP B 151 17.81 -18.48 -28.03
C ASP B 151 16.37 -18.57 -27.52
N GLY B 152 15.65 -19.60 -27.95
CA GLY B 152 14.27 -19.80 -27.50
C GLY B 152 13.31 -18.78 -28.08
N ILE B 153 13.75 -18.07 -29.11
CA ILE B 153 12.91 -17.09 -29.79
C ILE B 153 12.00 -17.78 -30.80
N ILE B 154 10.71 -17.48 -30.73
CA ILE B 154 9.78 -17.92 -31.75
C ILE B 154 8.92 -16.74 -32.17
N TYR B 155 9.15 -16.25 -33.38
CA TYR B 155 8.38 -15.14 -33.92
C TYR B 155 6.91 -15.46 -33.95
N ALA B 156 6.07 -14.45 -33.68
CA ALA B 156 4.65 -14.56 -33.97
C ALA B 156 4.45 -14.79 -35.46
N ASP B 157 3.58 -15.73 -35.80
CA ASP B 157 3.25 -16.05 -37.18
C ASP B 157 2.23 -15.05 -37.73
N PRO B 158 2.54 -14.40 -38.86
CA PRO B 158 1.66 -13.33 -39.34
C PRO B 158 0.24 -13.81 -39.69
N LYS B 159 0.11 -15.07 -40.12
CA LYS B 159 -1.23 -15.59 -40.41
C LYS B 159 -1.98 -15.86 -39.11
N GLU B 160 -1.29 -16.42 -38.12
CA GLU B 160 -1.90 -16.59 -36.80
C GLU B 160 -2.34 -15.23 -36.24
N CYS B 161 -1.49 -14.20 -36.39
CA CYS B 161 -1.81 -12.87 -35.84
C CYS B 161 -3.12 -12.35 -36.40
N GLN B 162 -3.18 -12.34 -37.73
CA GLN B 162 -4.36 -11.92 -38.46
C GLN B 162 -5.61 -12.68 -38.03
N GLU B 163 -5.49 -13.99 -37.91
CA GLU B 163 -6.64 -14.84 -37.61
C GLU B 163 -7.12 -14.64 -36.17
N LEU B 164 -6.19 -14.61 -35.23
CA LEU B 164 -6.55 -14.37 -33.83
C LEU B 164 -7.29 -13.03 -33.68
N VAL B 165 -6.78 -11.97 -34.31
CA VAL B 165 -7.42 -10.66 -34.25
C VAL B 165 -8.85 -10.71 -34.80
N GLU B 166 -9.01 -11.24 -36.01
CA GLU B 166 -10.32 -11.34 -36.66
C GLU B 166 -11.33 -12.16 -35.87
N LYS B 167 -10.89 -13.28 -35.31
CA LYS B 167 -11.81 -14.19 -34.62
C LYS B 167 -12.10 -13.80 -33.18
N THR B 168 -11.22 -13.05 -32.52
CA THR B 168 -11.42 -12.79 -31.10
C THR B 168 -11.89 -11.37 -30.78
N GLY B 169 -11.50 -10.40 -31.60
CA GLY B 169 -11.85 -9.01 -31.35
C GLY B 169 -11.00 -8.31 -30.29
N ILE B 170 -9.82 -8.85 -30.00
CA ILE B 170 -8.90 -8.20 -29.05
C ILE B 170 -8.56 -6.75 -29.45
N ASP B 171 -8.18 -5.95 -28.46
CA ASP B 171 -7.90 -4.53 -28.66
C ASP B 171 -6.42 -4.25 -28.91
N ALA B 172 -5.56 -5.15 -28.43
CA ALA B 172 -4.13 -4.99 -28.64
C ALA B 172 -3.45 -6.35 -28.71
N LEU B 173 -2.37 -6.43 -29.46
CA LEU B 173 -1.68 -7.69 -29.71
C LEU B 173 -0.22 -7.60 -29.31
N ALA B 174 0.25 -8.62 -28.59
CA ALA B 174 1.67 -8.79 -28.27
C ALA B 174 2.29 -9.85 -29.16
N PRO B 175 2.91 -9.44 -30.27
CA PRO B 175 3.62 -10.41 -31.10
C PRO B 175 5.10 -10.48 -30.71
N ALA B 176 5.55 -11.60 -30.18
CA ALA B 176 6.96 -11.76 -29.83
C ALA B 176 7.74 -11.81 -31.13
N LEU B 177 8.78 -10.98 -31.25
CA LEU B 177 9.46 -10.84 -32.54
C LEU B 177 10.96 -10.62 -32.35
N GLY B 178 11.52 -11.29 -31.36
CA GLY B 178 12.95 -11.30 -31.18
C GLY B 178 13.39 -10.80 -29.82
N SER B 179 12.46 -10.24 -29.04
CA SER B 179 12.81 -9.82 -27.70
C SER B 179 13.09 -11.04 -26.83
N VAL B 180 13.91 -10.84 -25.81
CA VAL B 180 14.31 -11.90 -24.90
C VAL B 180 14.15 -11.41 -23.47
N HIS B 181 14.15 -12.34 -22.51
CA HIS B 181 14.14 -11.92 -21.11
C HIS B 181 15.32 -12.51 -20.34
N PRO B 188 19.90 -8.45 -28.58
CA PRO B 188 18.61 -8.84 -29.18
C PRO B 188 18.30 -8.07 -30.46
N LYS B 189 17.64 -8.74 -31.40
CA LYS B 189 17.38 -8.18 -32.72
C LYS B 189 15.89 -8.31 -33.07
N LEU B 190 15.19 -7.19 -33.05
CA LEU B 190 13.77 -7.18 -33.33
C LEU B 190 13.50 -7.36 -34.83
N GLY B 191 12.49 -8.14 -35.17
CA GLY B 191 12.08 -8.30 -36.56
C GLY B 191 11.20 -7.15 -36.99
N PHE B 192 11.83 -6.03 -37.37
CA PHE B 192 11.10 -4.80 -37.66
C PHE B 192 10.20 -4.96 -38.87
N LYS B 193 10.66 -5.72 -39.85
CA LYS B 193 9.89 -5.99 -41.06
C LYS B 193 8.61 -6.76 -40.72
N GLU B 194 8.77 -7.83 -39.95
CA GLU B 194 7.64 -8.61 -39.44
C GLU B 194 6.68 -7.75 -38.62
N MET B 195 7.24 -6.87 -37.79
CA MET B 195 6.43 -6.01 -36.92
C MET B 195 5.54 -5.09 -37.74
N GLU B 196 6.13 -4.52 -38.77
CA GLU B 196 5.41 -3.65 -39.68
C GLU B 196 4.26 -4.39 -40.37
N GLU B 197 4.57 -5.58 -40.89
CA GLU B 197 3.57 -6.41 -41.55
C GLU B 197 2.38 -6.69 -40.62
N ILE B 198 2.68 -7.11 -39.40
CA ILE B 198 1.63 -7.48 -38.44
C ILE B 198 0.80 -6.26 -38.00
N GLY B 199 1.47 -5.14 -37.78
CA GLY B 199 0.77 -3.91 -37.41
C GLY B 199 -0.18 -3.48 -38.50
N LEU B 200 0.32 -3.49 -39.74
CA LEU B 200 -0.50 -3.11 -40.89
C LEU B 200 -1.66 -4.08 -41.12
N SER B 201 -1.36 -5.39 -41.12
CA SER B 201 -2.40 -6.37 -41.40
C SER B 201 -3.49 -6.41 -40.31
N THR B 202 -3.10 -6.34 -39.05
CA THR B 202 -4.11 -6.45 -37.98
C THR B 202 -4.81 -5.12 -37.70
N GLY B 203 -4.12 -4.01 -37.92
CA GLY B 203 -4.67 -2.70 -37.62
C GLY B 203 -4.78 -2.41 -36.13
N LEU B 204 -4.05 -3.17 -35.33
CA LEU B 204 -4.13 -3.04 -33.86
C LEU B 204 -2.86 -2.41 -33.31
N PRO B 205 -2.98 -1.64 -32.20
CA PRO B 205 -1.76 -1.27 -31.47
C PRO B 205 -1.02 -2.55 -31.03
N LEU B 206 0.30 -2.56 -31.13
CA LEU B 206 1.10 -3.72 -30.76
C LEU B 206 1.79 -3.50 -29.42
N VAL B 207 2.07 -4.58 -28.72
CA VAL B 207 2.63 -4.52 -27.37
C VAL B 207 4.01 -5.17 -27.37
N LEU B 208 4.98 -4.53 -26.73
CA LEU B 208 6.33 -5.07 -26.67
C LEU B 208 6.67 -5.63 -25.29
N HIS B 209 6.87 -6.95 -25.24
CA HIS B 209 7.33 -7.63 -24.03
C HIS B 209 8.83 -7.89 -24.14
N GLY B 210 9.52 -7.97 -23.02
CA GLY B 210 10.96 -8.21 -23.01
C GLY B 210 11.74 -6.97 -23.42
N GLY B 211 11.20 -5.81 -23.08
CA GLY B 211 11.78 -4.54 -23.49
C GLY B 211 13.03 -4.16 -22.70
N THR B 212 13.19 -4.75 -21.52
CA THR B 212 14.34 -4.43 -20.69
C THR B 212 15.60 -4.75 -21.43
N GLY B 213 16.45 -3.74 -21.62
CA GLY B 213 17.72 -3.98 -22.27
C GLY B 213 17.75 -3.65 -23.76
N ILE B 214 16.59 -3.47 -24.37
CA ILE B 214 16.53 -3.07 -25.77
C ILE B 214 16.97 -1.61 -25.89
N PRO B 215 17.93 -1.33 -26.79
CA PRO B 215 18.48 0.03 -26.94
C PRO B 215 17.41 1.03 -27.32
N THR B 216 17.52 2.26 -26.80
CA THR B 216 16.57 3.34 -27.10
C THR B 216 16.30 3.45 -28.60
N LYS B 217 17.34 3.19 -29.40
CA LYS B 217 17.21 3.30 -30.85
C LYS B 217 16.32 2.20 -31.44
N ASP B 218 16.40 0.99 -30.92
CA ASP B 218 15.50 -0.05 -31.36
C ASP B 218 14.09 0.19 -30.82
N ILE B 219 13.99 0.65 -29.58
CA ILE B 219 12.72 1.05 -29.00
C ILE B 219 12.05 2.11 -29.87
N GLN B 220 12.81 3.10 -30.31
CA GLN B 220 12.21 4.17 -31.08
C GLN B 220 12.01 3.81 -32.55
N LYS B 221 12.67 2.76 -33.03
CA LYS B 221 12.33 2.22 -34.35
C LYS B 221 11.01 1.43 -34.31
N ALA B 222 10.80 0.69 -33.21
CA ALA B 222 9.64 -0.18 -33.09
C ALA B 222 8.35 0.62 -33.02
N ILE B 223 8.45 1.80 -32.41
CA ILE B 223 7.25 2.59 -32.13
C ILE B 223 6.50 3.02 -33.39
N PRO B 224 7.20 3.59 -34.41
CA PRO B 224 6.39 3.90 -35.60
C PRO B 224 5.95 2.69 -36.41
N PHE B 225 6.51 1.50 -36.15
CA PHE B 225 6.02 0.31 -36.84
C PHE B 225 4.78 -0.28 -36.15
N GLY B 226 4.29 0.40 -35.12
CA GLY B 226 3.03 0.02 -34.50
C GLY B 226 3.08 -0.38 -33.03
N THR B 227 4.27 -0.43 -32.45
CA THR B 227 4.36 -0.69 -31.02
C THR B 227 3.89 0.54 -30.24
N ALA B 228 2.79 0.36 -29.50
CA ALA B 228 2.11 1.47 -28.84
C ALA B 228 2.08 1.27 -27.32
N LYS B 229 2.50 0.09 -26.89
CA LYS B 229 2.54 -0.23 -25.47
C LYS B 229 3.83 -0.96 -25.20
N ILE B 230 4.57 -0.53 -24.19
CA ILE B 230 5.82 -1.19 -23.87
C ILE B 230 5.90 -1.47 -22.39
N ASN B 231 6.15 -2.73 -22.04
CA ASN B 231 6.13 -3.16 -20.65
C ASN B 231 7.45 -2.92 -19.91
N VAL B 232 7.32 -2.45 -18.68
CA VAL B 232 8.44 -2.03 -17.85
C VAL B 232 8.28 -2.53 -16.43
N ASN B 233 9.27 -3.28 -15.94
CA ASN B 233 9.17 -3.91 -14.62
C ASN B 233 10.52 -4.02 -13.91
N THR B 234 11.39 -4.90 -14.43
CA THR B 234 12.70 -5.13 -13.83
C THR B 234 13.53 -3.86 -13.67
N GLU B 235 13.46 -2.95 -14.64
CA GLU B 235 14.17 -1.67 -14.54
C GLU B 235 13.80 -0.91 -13.27
N ASN B 236 12.52 -0.94 -12.90
CA ASN B 236 12.08 -0.27 -11.67
C ASN B 236 12.51 -1.03 -10.43
N GLN B 237 12.51 -2.35 -10.52
CA GLN B 237 12.92 -3.18 -9.39
C GLN B 237 14.40 -2.99 -9.11
N ILE B 238 15.20 -2.94 -10.17
CA ILE B 238 16.64 -2.77 -10.04
C ILE B 238 16.95 -1.40 -9.40
N ALA B 239 16.32 -0.35 -9.90
CA ALA B 239 16.56 1.01 -9.42
C ALA B 239 16.13 1.20 -7.97
N SER B 240 14.99 0.63 -7.60
CA SER B 240 14.52 0.76 -6.22
C SER B 240 15.41 -0.03 -5.26
N ALA B 241 15.75 -1.27 -5.63
CA ALA B 241 16.59 -2.10 -4.77
C ALA B 241 17.97 -1.45 -4.55
N LYS B 242 18.49 -0.78 -5.58
CA LYS B 242 19.78 -0.11 -5.46
C LYS B 242 19.70 1.03 -4.46
N ALA B 243 18.61 1.79 -4.49
CA ALA B 243 18.44 2.88 -3.53
C ALA B 243 18.29 2.36 -2.10
N VAL B 244 17.63 1.22 -1.91
CA VAL B 244 17.46 0.69 -0.57
C VAL B 244 18.81 0.25 -0.02
N ARG B 245 19.57 -0.47 -0.85
CA ARG B 245 20.88 -0.96 -0.48
C ARG B 245 21.79 0.21 -0.07
N ASP B 246 21.78 1.26 -0.88
CA ASP B 246 22.61 2.45 -0.63
C ASP B 246 22.29 3.10 0.71
N VAL B 247 21.00 3.21 1.04
CA VAL B 247 20.62 3.80 2.33
C VAL B 247 21.10 2.92 3.48
N LEU B 248 20.83 1.63 3.38
CA LEU B 248 21.12 0.73 4.48
C LEU B 248 22.62 0.48 4.65
N ASN B 249 23.36 0.53 3.55
CA ASN B 249 24.81 0.34 3.61
C ASN B 249 25.56 1.55 4.13
N ASN B 250 24.95 2.74 4.03
CA ASN B 250 25.60 3.96 4.46
C ASN B 250 25.19 4.44 5.85
N ASP B 251 24.17 3.81 6.41
CA ASP B 251 23.69 4.11 7.75
C ASP B 251 23.27 2.80 8.38
N LYS B 252 24.05 2.31 9.33
CA LYS B 252 23.78 1.00 9.91
C LYS B 252 22.74 1.07 11.03
N GLU B 253 22.29 2.28 11.36
CA GLU B 253 21.35 2.47 12.45
C GLU B 253 19.91 2.70 12.01
N VAL B 254 19.70 3.12 10.77
CA VAL B 254 18.37 3.46 10.29
C VAL B 254 17.42 2.26 10.30
N TYR B 255 16.19 2.46 10.80
CA TYR B 255 15.16 1.40 10.72
C TYR B 255 13.78 1.89 10.28
N ASP B 256 13.56 3.21 10.31
CA ASP B 256 12.32 3.80 9.78
C ASP B 256 12.13 3.39 8.32
N PRO B 257 11.06 2.63 8.02
CA PRO B 257 10.84 2.14 6.66
C PRO B 257 10.82 3.28 5.65
N ARG B 258 10.33 4.45 6.07
CA ARG B 258 10.23 5.57 5.16
C ARG B 258 11.60 6.07 4.69
N LYS B 259 12.64 5.79 5.48
CA LYS B 259 13.96 6.32 5.18
C LYS B 259 14.74 5.47 4.18
N TYR B 260 14.30 4.25 3.91
CA TYR B 260 14.86 3.53 2.75
C TYR B 260 13.83 3.29 1.65
N LEU B 261 12.55 3.16 1.97
CA LEU B 261 11.54 2.97 0.91
C LEU B 261 11.16 4.30 0.22
N GLY B 262 11.31 5.41 0.93
CA GLY B 262 11.18 6.73 0.31
C GLY B 262 12.16 6.93 -0.85
N PRO B 263 13.47 6.73 -0.59
CA PRO B 263 14.42 6.78 -1.71
C PRO B 263 14.12 5.74 -2.80
N ALA B 264 13.68 4.54 -2.43
CA ALA B 264 13.28 3.55 -3.44
C ALA B 264 12.19 4.11 -4.34
N ARG B 265 11.16 4.70 -3.74
CA ARG B 265 10.08 5.33 -4.49
C ARG B 265 10.61 6.43 -5.43
N GLU B 266 11.50 7.29 -4.93
CA GLU B 266 12.11 8.30 -5.78
C GLU B 266 12.85 7.68 -6.96
N ALA B 267 13.52 6.55 -6.75
CA ALA B 267 14.32 5.95 -7.81
C ALA B 267 13.39 5.38 -8.89
N ILE B 268 12.25 4.85 -8.48
CA ILE B 268 11.25 4.38 -9.43
C ILE B 268 10.72 5.54 -10.23
N LYS B 269 10.39 6.61 -9.52
CA LYS B 269 9.81 7.79 -10.14
C LYS B 269 10.74 8.30 -11.24
N GLU B 270 12.03 8.37 -10.95
CA GLU B 270 12.98 8.87 -11.94
C GLU B 270 13.21 7.86 -13.07
N THR B 271 13.18 6.57 -12.76
CA THR B 271 13.24 5.54 -13.81
C THR B 271 12.05 5.69 -14.76
N VAL B 272 10.86 5.87 -14.19
CA VAL B 272 9.64 5.94 -15.00
C VAL B 272 9.64 7.19 -15.91
N LYS B 273 10.06 8.34 -15.39
CA LYS B 273 10.14 9.55 -16.20
C LYS B 273 11.09 9.37 -17.39
N GLY B 274 12.21 8.71 -17.16
CA GLY B 274 13.09 8.32 -18.24
C GLY B 274 12.42 7.48 -19.31
N LYS B 275 11.63 6.48 -18.91
CA LYS B 275 10.92 5.65 -19.88
C LYS B 275 9.88 6.50 -20.61
N ILE B 276 9.23 7.39 -19.87
CA ILE B 276 8.23 8.26 -20.47
C ILE B 276 8.86 9.09 -21.59
N LYS B 277 10.04 9.65 -21.33
CA LYS B 277 10.74 10.45 -22.35
C LYS B 277 11.10 9.58 -23.55
N GLU B 278 11.64 8.39 -23.28
CA GLU B 278 11.96 7.41 -24.32
C GLU B 278 10.77 7.09 -25.21
N PHE B 279 9.62 6.89 -24.56
CA PHE B 279 8.44 6.40 -25.23
C PHE B 279 7.65 7.52 -25.94
N GLY B 280 7.98 8.76 -25.65
CA GLY B 280 7.26 9.88 -26.23
C GLY B 280 5.91 10.15 -25.58
N THR B 281 5.69 9.63 -24.38
CA THR B 281 4.36 9.68 -23.77
C THR B 281 4.07 11.07 -23.17
N SER B 282 5.09 11.90 -22.97
CA SER B 282 4.89 13.20 -22.32
C SER B 282 3.90 14.06 -23.07
N ASN B 283 3.03 14.74 -22.33
CA ASN B 283 2.10 15.71 -22.91
C ASN B 283 1.15 15.10 -23.92
N ARG B 284 0.78 13.84 -23.72
CA ARG B 284 -0.19 13.20 -24.59
C ARG B 284 -1.57 13.11 -23.93
N ALA B 285 -1.59 13.25 -22.59
CA ALA B 285 -2.86 13.32 -21.85
C ALA B 285 -3.62 14.61 -22.16
N LYS B 286 -4.84 14.45 -22.66
CA LYS B 286 -5.66 15.62 -22.96
C LYS B 286 -6.89 15.67 -22.06
N HIS B 287 -7.76 16.63 -22.32
CA HIS B 287 -8.98 16.81 -21.54
C HIS B 287 -10.14 16.01 -22.12
#